data_4J5N
#
_entry.id   4J5N
#
_cell.length_a   61.655
_cell.length_b   61.655
_cell.length_c   203.670
_cell.angle_alpha   90.00
_cell.angle_beta   90.00
_cell.angle_gamma   120.00
#
_symmetry.space_group_name_H-M   'P 31 2 1'
#
loop_
_entity.id
_entity.type
_entity.pdbx_description
1 polymer 'Phosphotriesterase, putative'
2 non-polymer 'COBALT (II) ION'
3 water water
#
_entity_poly.entity_id   1
_entity_poly.type   'polypeptide(L)'
_entity_poly.pdbx_seq_one_letter_code
;MTAQTVTGAVAAAQLGATLPHEHVIFGLPGYAGDVTLGPFDHAAALASCTETARALLARGIQTVVDATPNNCGRNPAFLR
EVSEATGLQILCATGFYYEGGGATTYFKFRASLGDAESEIYEMMRTEVTEGIAGTGIRAGVI(KCX)LASSRDAITPYEQ
LFFRAAARVQRETGVPIITHTQDGQQGPQQAELLTSLGADPARIMIGHMDGNTDPAYHRETLRHGVSIAFDRIGLQGMLG
TPTDAERLSVLTTLLGEGYADRLLLSHDSIWHWMGRPPAIPEAALPAVKDWHPLHISDDILPDLRRRGITEEQVGQMTVG
NPARLFG
;
_entity_poly.pdbx_strand_id   A
#
loop_
_chem_comp.id
_chem_comp.type
_chem_comp.name
_chem_comp.formula
CO non-polymer 'COBALT (II) ION' 'Co 2'
#
# COMPACT_ATOMS: atom_id res chain seq x y z
N THR A 2 -7.06 -2.35 17.84
CA THR A 2 -6.38 -1.05 17.56
C THR A 2 -5.43 -1.15 16.37
N ALA A 3 -5.10 0.00 15.78
CA ALA A 3 -4.17 0.11 14.67
C ALA A 3 -2.81 0.45 15.25
N GLN A 4 -1.77 -0.21 14.74
CA GLN A 4 -0.42 0.05 15.22
C GLN A 4 0.34 1.01 14.28
N THR A 5 0.44 2.27 14.72
CA THR A 5 1.11 3.31 13.95
C THR A 5 2.55 3.49 14.41
N VAL A 6 3.27 4.41 13.74
CA VAL A 6 4.67 4.70 14.06
C VAL A 6 4.84 5.49 15.38
N THR A 7 3.73 6.03 15.89
CA THR A 7 3.70 6.77 17.15
C THR A 7 3.05 5.92 18.26
N GLY A 8 2.51 4.76 17.87
CA GLY A 8 1.87 3.87 18.82
C GLY A 8 0.48 3.38 18.43
N ALA A 9 -0.19 2.70 19.36
CA ALA A 9 -1.54 2.17 19.16
C ALA A 9 -2.59 3.28 19.13
N VAL A 10 -3.45 3.24 18.11
CA VAL A 10 -4.53 4.21 17.91
C VAL A 10 -5.83 3.43 17.71
N ALA A 11 -6.93 3.94 18.27
CA ALA A 11 -8.25 3.33 18.16
C ALA A 11 -8.79 3.38 16.72
N ALA A 12 -9.62 2.40 16.36
CA ALA A 12 -10.23 2.28 15.04
C ALA A 12 -11.06 3.49 14.63
N ALA A 13 -11.75 4.06 15.62
CA ALA A 13 -12.61 5.24 15.44
C ALA A 13 -11.80 6.54 15.28
N GLN A 14 -10.51 6.48 15.63
CA GLN A 14 -9.62 7.65 15.55
C GLN A 14 -8.74 7.70 14.30
N LEU A 15 -8.92 6.74 13.39
CA LEU A 15 -8.17 6.70 12.14
C LEU A 15 -8.70 7.76 11.18
N GLY A 16 -10.02 7.91 11.15
CA GLY A 16 -10.68 8.87 10.28
C GLY A 16 -10.51 8.52 8.81
N ALA A 17 -10.43 9.53 7.95
CA ALA A 17 -10.24 9.32 6.51
C ALA A 17 -8.78 8.86 6.33
N THR A 18 -8.62 7.79 5.58
CA THR A 18 -7.31 7.18 5.38
C THR A 18 -7.02 6.90 3.91
N LEU A 19 -5.72 6.98 3.59
CA LEU A 19 -5.20 6.66 2.26
C LEU A 19 -4.47 5.34 2.55
N PRO A 20 -5.06 4.19 2.17
CA PRO A 20 -4.51 2.85 2.40
C PRO A 20 -3.21 2.36 1.76
N HIS A 21 -2.65 3.14 0.83
CA HIS A 21 -1.41 2.77 0.14
C HIS A 21 -0.68 4.01 -0.42
N GLU A 22 0.33 4.48 0.31
CA GLU A 22 1.15 5.63 -0.11
C GLU A 22 2.59 5.37 0.33
N HIS A 23 3.53 6.18 -0.15
CA HIS A 23 4.94 6.05 0.24
C HIS A 23 5.51 7.42 0.59
N VAL A 24 5.81 7.65 1.87
CA VAL A 24 6.41 8.91 2.33
C VAL A 24 7.77 8.99 1.64
N ILE A 25 8.58 7.93 1.80
CA ILE A 25 9.85 7.81 1.07
C ILE A 25 9.88 6.44 0.36
N PHE A 26 10.47 6.40 -0.83
CA PHE A 26 10.58 5.16 -1.60
C PHE A 26 11.81 5.21 -2.49
N GLY A 27 12.49 4.07 -2.52
CA GLY A 27 13.65 3.92 -3.35
C GLY A 27 13.55 2.54 -3.95
N LEU A 28 13.66 2.47 -5.28
CA LEU A 28 13.61 1.20 -5.98
C LEU A 28 14.95 0.50 -5.67
N PRO A 29 14.93 -0.82 -5.36
CA PRO A 29 16.15 -1.59 -5.05
C PRO A 29 17.36 -1.27 -5.94
N GLY A 30 18.42 -0.82 -5.27
CA GLY A 30 19.65 -0.44 -5.94
C GLY A 30 20.00 1.01 -5.67
N TYR A 31 19.03 1.77 -5.15
CA TYR A 31 19.18 3.20 -4.82
C TYR A 31 20.38 3.50 -3.90
N ALA A 32 20.59 2.59 -2.94
CA ALA A 32 21.65 2.69 -1.94
C ALA A 32 23.03 2.57 -2.56
N GLY A 33 23.06 2.00 -3.76
CA GLY A 33 24.30 1.87 -4.50
C GLY A 33 24.72 3.14 -5.22
N ASP A 34 23.77 4.07 -5.36
CA ASP A 34 23.98 5.36 -6.02
C ASP A 34 24.03 6.48 -4.96
N VAL A 35 24.48 6.14 -3.76
CA VAL A 35 24.57 7.07 -2.64
C VAL A 35 25.51 8.28 -2.86
N THR A 36 26.55 8.12 -3.68
CA THR A 36 27.51 9.21 -3.94
C THR A 36 26.88 10.42 -4.64
N LEU A 37 26.19 10.16 -5.75
CA LEU A 37 25.53 11.23 -6.51
C LEU A 37 24.06 11.43 -6.16
N GLY A 38 23.52 10.50 -5.38
CA GLY A 38 22.14 10.60 -4.95
C GLY A 38 22.02 10.40 -3.45
N PRO A 39 22.63 11.28 -2.61
CA PRO A 39 22.51 11.08 -1.16
C PRO A 39 21.15 11.48 -0.61
N PHE A 40 20.89 11.08 0.62
CA PHE A 40 19.64 11.40 1.28
C PHE A 40 19.82 12.70 2.07
N ASP A 41 19.11 13.73 1.62
CA ASP A 41 19.12 15.03 2.27
C ASP A 41 17.95 14.96 3.26
N HIS A 42 18.28 14.55 4.49
CA HIS A 42 17.30 14.39 5.57
C HIS A 42 16.46 15.63 5.84
N ALA A 43 17.11 16.80 5.92
CA ALA A 43 16.45 18.07 6.18
C ALA A 43 15.44 18.45 5.10
N ALA A 44 15.84 18.28 3.83
CA ALA A 44 14.98 18.61 2.68
C ALA A 44 13.85 17.59 2.52
N ALA A 45 14.11 16.36 2.95
CA ALA A 45 13.12 15.27 2.90
C ALA A 45 12.07 15.51 3.98
N LEU A 46 12.51 15.89 5.18
CA LEU A 46 11.62 16.17 6.31
C LEU A 46 10.72 17.36 6.00
N ALA A 47 11.29 18.39 5.37
CA ALA A 47 10.56 19.61 5.00
C ALA A 47 9.46 19.33 3.98
N SER A 48 9.80 18.57 2.94
CA SER A 48 8.87 18.22 1.88
C SER A 48 7.74 17.30 2.35
N CYS A 49 8.11 16.29 3.13
CA CYS A 49 7.15 15.30 3.66
C CYS A 49 6.18 15.86 4.69
N THR A 50 6.66 16.79 5.53
CA THR A 50 5.81 17.44 6.55
C THR A 50 4.82 18.41 5.91
N GLU A 51 5.24 19.01 4.79
CA GLU A 51 4.41 19.94 4.02
C GLU A 51 3.25 19.18 3.37
N THR A 52 3.57 18.01 2.80
CA THR A 52 2.57 17.15 2.17
C THR A 52 1.60 16.59 3.24
N ALA A 53 2.15 16.24 4.40
CA ALA A 53 1.37 15.71 5.53
C ALA A 53 0.37 16.73 6.06
N ARG A 54 0.79 18.01 6.13
CA ARG A 54 -0.08 19.10 6.60
C ARG A 54 -1.16 19.39 5.56
N ALA A 55 -0.82 19.22 4.28
CA ALA A 55 -1.75 19.42 3.18
C ALA A 55 -2.86 18.35 3.22
N LEU A 56 -2.48 17.14 3.62
CA LEU A 56 -3.41 16.01 3.77
C LEU A 56 -4.36 16.21 4.96
N LEU A 57 -3.81 16.73 6.06
CA LEU A 57 -4.58 17.02 7.28
C LEU A 57 -5.61 18.13 7.05
N ALA A 58 -5.30 19.00 6.07
CA ALA A 58 -6.17 20.11 5.68
C ALA A 58 -7.37 19.58 4.89
N ARG A 59 -7.17 18.45 4.22
CA ARG A 59 -8.21 17.78 3.44
C ARG A 59 -9.12 16.89 4.30
N GLY A 60 -8.73 16.70 5.57
CA GLY A 60 -9.48 15.86 6.47
C GLY A 60 -8.91 14.45 6.61
N ILE A 61 -7.81 14.17 5.89
CA ILE A 61 -7.13 12.87 5.93
C ILE A 61 -6.22 12.84 7.16
N GLN A 62 -6.60 11.98 8.11
CA GLN A 62 -5.88 11.85 9.37
C GLN A 62 -4.90 10.69 9.44
N THR A 63 -5.01 9.76 8.49
CA THR A 63 -4.14 8.59 8.47
C THR A 63 -3.67 8.17 7.07
N VAL A 64 -2.42 7.73 7.02
CA VAL A 64 -1.80 7.26 5.78
C VAL A 64 -1.14 5.92 6.10
N VAL A 65 -1.40 4.90 5.28
CA VAL A 65 -0.75 3.61 5.46
C VAL A 65 0.41 3.58 4.46
N ASP A 66 1.62 3.63 4.99
CA ASP A 66 2.84 3.60 4.19
C ASP A 66 3.14 2.14 3.86
N ALA A 67 3.02 1.82 2.58
CA ALA A 67 3.19 0.47 2.07
C ALA A 67 4.58 0.07 1.65
N THR A 68 5.57 0.88 2.00
CA THR A 68 6.97 0.64 1.62
C THR A 68 7.61 -0.64 2.15
N PRO A 69 8.01 -1.56 1.23
CA PRO A 69 8.65 -2.84 1.59
C PRO A 69 10.02 -2.61 2.21
N ASN A 70 10.47 -3.58 3.01
CA ASN A 70 11.77 -3.57 3.71
C ASN A 70 12.98 -3.31 2.82
N ASN A 71 12.90 -3.76 1.58
CA ASN A 71 13.98 -3.61 0.60
C ASN A 71 13.80 -2.44 -0.36
N CYS A 72 12.78 -1.61 -0.11
CA CYS A 72 12.48 -0.46 -0.96
C CYS A 72 12.66 0.92 -0.29
N GLY A 73 13.59 0.99 0.66
CA GLY A 73 13.87 2.24 1.33
C GLY A 73 13.05 2.57 2.56
N ARG A 74 12.45 1.54 3.17
CA ARG A 74 11.63 1.72 4.38
C ARG A 74 12.48 2.33 5.51
N ASN A 75 11.93 3.34 6.16
CA ASN A 75 12.63 4.04 7.26
C ASN A 75 11.56 4.43 8.27
N PRO A 76 11.26 3.54 9.24
CA PRO A 76 10.27 3.73 10.30
C PRO A 76 10.51 4.95 11.18
N ALA A 77 11.79 5.24 11.43
CA ALA A 77 12.23 6.38 12.25
C ALA A 77 11.88 7.71 11.60
N PHE A 78 12.03 7.76 10.27
CA PHE A 78 11.71 8.95 9.48
C PHE A 78 10.19 9.18 9.47
N LEU A 79 9.42 8.10 9.32
CA LEU A 79 7.95 8.16 9.30
C LEU A 79 7.44 8.68 10.64
N ARG A 80 8.16 8.33 11.71
CA ARG A 80 7.83 8.76 13.07
C ARG A 80 8.06 10.26 13.22
N GLU A 81 9.13 10.76 12.59
CA GLU A 81 9.48 12.19 12.62
C GLU A 81 8.42 13.03 11.92
N VAL A 82 7.97 12.54 10.75
CA VAL A 82 6.94 13.21 9.94
C VAL A 82 5.59 13.20 10.69
N SER A 83 5.32 12.11 11.41
CA SER A 83 4.10 11.95 12.20
C SER A 83 4.07 12.84 13.44
N GLU A 84 5.18 12.86 14.18
CA GLU A 84 5.31 13.65 15.40
C GLU A 84 5.33 15.17 15.16
N ALA A 85 5.79 15.56 13.99
CA ALA A 85 5.87 16.97 13.60
C ALA A 85 4.54 17.56 13.13
N THR A 86 3.69 16.72 12.53
CA THR A 86 2.41 17.16 11.98
C THR A 86 1.13 16.68 12.66
N GLY A 87 1.18 15.49 13.25
CA GLY A 87 0.01 14.93 13.90
C GLY A 87 -0.67 13.90 13.01
N LEU A 88 -0.20 13.75 11.77
CA LEU A 88 -0.73 12.78 10.81
C LEU A 88 -0.33 11.37 11.27
N GLN A 89 -1.30 10.47 11.33
CA GLN A 89 -1.04 9.09 11.75
C GLN A 89 -0.53 8.28 10.56
N ILE A 90 0.61 7.60 10.77
CA ILE A 90 1.24 6.80 9.71
C ILE A 90 1.49 5.35 10.17
N LEU A 91 1.01 4.39 9.38
CA LEU A 91 1.23 2.97 9.63
C LEU A 91 2.30 2.51 8.64
N CYS A 92 3.31 1.80 9.11
CA CYS A 92 4.33 1.29 8.21
C CYS A 92 4.14 -0.22 7.96
N ALA A 93 4.88 -0.73 6.98
CA ALA A 93 4.80 -2.12 6.59
C ALA A 93 6.00 -2.98 6.95
N THR A 94 5.80 -4.29 6.76
CA THR A 94 6.82 -5.32 6.93
C THR A 94 6.57 -6.26 5.75
N GLY A 95 7.63 -6.55 5.02
CA GLY A 95 7.51 -7.43 3.85
C GLY A 95 8.51 -7.03 2.79
N PHE A 96 8.63 -7.85 1.75
CA PHE A 96 9.53 -7.60 0.64
C PHE A 96 8.74 -7.39 -0.63
N TYR A 97 9.37 -6.77 -1.63
CA TYR A 97 8.76 -6.48 -2.92
C TYR A 97 8.73 -7.75 -3.81
N TYR A 98 8.13 -7.65 -5.00
CA TYR A 98 8.03 -8.80 -5.93
C TYR A 98 9.39 -9.24 -6.51
N GLU A 99 9.44 -10.49 -6.99
CA GLU A 99 10.66 -11.11 -7.54
C GLU A 99 11.37 -10.31 -8.66
N GLY A 100 10.59 -9.80 -9.62
CA GLY A 100 11.15 -9.02 -10.71
C GLY A 100 11.38 -7.57 -10.35
N GLY A 101 11.43 -7.29 -9.05
CA GLY A 101 11.63 -5.94 -8.55
C GLY A 101 12.96 -5.71 -7.86
N GLY A 102 13.92 -6.61 -8.05
CA GLY A 102 15.23 -6.47 -7.45
C GLY A 102 15.27 -6.83 -5.97
N ALA A 103 16.48 -6.80 -5.40
CA ALA A 103 16.77 -7.13 -3.99
C ALA A 103 16.11 -8.45 -3.52
N THR A 104 16.07 -9.38 -4.46
CA THR A 104 15.45 -10.70 -4.30
C THR A 104 16.41 -11.84 -3.98
N THR A 105 17.67 -11.69 -4.40
CA THR A 105 18.66 -12.73 -4.23
C THR A 105 19.01 -13.20 -2.81
N TYR A 106 18.97 -12.29 -1.81
CA TYR A 106 19.27 -12.63 -0.41
C TYR A 106 18.37 -13.75 0.12
N PHE A 107 17.06 -13.55 0.06
CA PHE A 107 16.11 -14.55 0.51
C PHE A 107 15.95 -15.74 -0.43
N LYS A 108 16.31 -15.56 -1.70
CA LYS A 108 16.27 -16.64 -2.69
C LYS A 108 17.40 -17.62 -2.35
N PHE A 109 18.48 -17.06 -1.82
CA PHE A 109 19.69 -17.78 -1.39
C PHE A 109 19.44 -18.50 -0.04
N ARG A 110 18.78 -17.81 0.89
CA ARG A 110 18.45 -18.39 2.22
C ARG A 110 17.47 -19.56 2.04
N ALA A 111 16.70 -19.52 0.95
CA ALA A 111 15.71 -20.55 0.60
C ALA A 111 16.32 -21.82 0.03
N SER A 112 17.34 -21.68 -0.81
CA SER A 112 18.03 -22.82 -1.43
C SER A 112 18.93 -23.51 -0.41
N LEU A 113 19.29 -22.76 0.64
CA LEU A 113 20.18 -23.23 1.71
C LEU A 113 19.43 -23.68 2.95
N GLY A 114 18.15 -23.32 3.06
CA GLY A 114 17.38 -23.71 4.24
C GLY A 114 15.91 -23.35 4.26
N ASP A 115 15.41 -23.15 5.47
CA ASP A 115 14.02 -22.81 5.74
C ASP A 115 13.86 -21.29 5.80
N ALA A 116 13.62 -20.68 4.64
CA ALA A 116 13.44 -19.22 4.53
C ALA A 116 12.08 -18.77 5.00
N GLU A 117 11.06 -19.63 4.81
CA GLU A 117 9.68 -19.31 5.22
C GLU A 117 9.59 -18.96 6.71
N SER A 118 10.34 -19.71 7.53
CA SER A 118 10.36 -19.49 8.99
C SER A 118 11.15 -18.25 9.37
N GLU A 119 12.19 -17.95 8.59
CA GLU A 119 13.01 -16.77 8.80
C GLU A 119 12.22 -15.51 8.44
N ILE A 120 11.42 -15.61 7.37
CA ILE A 120 10.54 -14.52 6.88
C ILE A 120 9.41 -14.31 7.91
N TYR A 121 8.86 -15.43 8.40
CA TYR A 121 7.79 -15.43 9.41
C TYR A 121 8.27 -14.74 10.68
N GLU A 122 9.47 -15.12 11.16
CA GLU A 122 10.04 -14.54 12.37
C GLU A 122 10.35 -13.04 12.22
N MET A 123 10.70 -12.62 11.00
CA MET A 123 10.97 -11.21 10.70
C MET A 123 9.66 -10.44 10.81
N MET A 124 8.62 -10.90 10.10
CA MET A 124 7.31 -10.28 10.12
C MET A 124 6.68 -10.24 11.51
N ARG A 125 6.79 -11.34 12.25
CA ARG A 125 6.22 -11.45 13.60
C ARG A 125 6.90 -10.47 14.57
N THR A 126 8.23 -10.39 14.51
CA THR A 126 9.01 -9.48 15.37
C THR A 126 8.71 -8.02 15.03
N GLU A 127 8.64 -7.71 13.73
CA GLU A 127 8.38 -6.35 13.28
C GLU A 127 6.96 -5.86 13.60
N VAL A 128 6.02 -6.80 13.71
CA VAL A 128 4.63 -6.52 14.04
C VAL A 128 4.40 -6.43 15.57
N THR A 129 4.96 -7.37 16.32
CA THR A 129 4.77 -7.41 17.78
C THR A 129 5.77 -6.66 18.66
N GLU A 130 7.05 -6.69 18.29
CA GLU A 130 8.12 -6.04 19.07
C GLU A 130 8.62 -4.72 18.50
N GLY A 131 9.07 -4.75 17.24
CA GLY A 131 9.57 -3.54 16.61
C GLY A 131 10.53 -3.80 15.45
N ILE A 132 10.84 -2.73 14.72
CA ILE A 132 11.73 -2.77 13.56
C ILE A 132 13.09 -2.19 13.92
N ALA A 133 14.15 -2.95 13.60
CA ALA A 133 15.55 -2.55 13.82
C ALA A 133 15.93 -2.03 15.21
N GLY A 134 15.28 -2.61 16.23
CA GLY A 134 15.52 -2.23 17.63
C GLY A 134 15.05 -0.84 18.04
N THR A 135 14.18 -0.23 17.23
CA THR A 135 13.66 1.11 17.49
C THR A 135 12.39 1.10 18.35
N GLY A 136 11.65 0.00 18.32
CA GLY A 136 10.42 -0.11 19.08
C GLY A 136 9.20 0.30 18.26
N ILE A 137 9.46 0.72 17.03
CA ILE A 137 8.43 1.14 16.09
C ILE A 137 7.95 -0.11 15.38
N ARG A 138 6.68 -0.44 15.57
CA ARG A 138 6.10 -1.62 14.98
C ARG A 138 5.39 -1.37 13.65
N ALA A 139 5.34 -2.42 12.85
CA ALA A 139 4.66 -2.40 11.55
C ALA A 139 3.19 -2.68 11.80
N GLY A 140 2.34 -1.85 11.21
CA GLY A 140 0.90 -2.00 11.37
C GLY A 140 0.21 -2.80 10.30
N VAL A 141 0.95 -3.13 9.24
CA VAL A 141 0.45 -3.93 8.12
C VAL A 141 1.56 -4.83 7.60
N ILE A 142 1.17 -5.87 6.87
CA ILE A 142 2.12 -6.75 6.22
C ILE A 142 1.95 -6.45 4.74
N KCX A 143 3.08 -6.21 4.04
CA KCX A 143 3.02 -5.93 2.60
CB KCX A 143 3.95 -4.74 2.28
CG KCX A 143 4.08 -4.46 0.80
CD KCX A 143 2.73 -4.12 0.14
CE KCX A 143 2.92 -3.73 -1.32
NZ KCX A 143 3.71 -2.48 -1.41
C KCX A 143 3.49 -7.17 1.83
O KCX A 143 4.55 -7.71 2.08
CX KCX A 143 3.79 -1.78 -2.53
OQ1 KCX A 143 3.18 -2.18 -3.55
OQ2 KCX A 143 4.47 -0.73 -2.51
N LEU A 144 2.66 -7.61 0.89
CA LEU A 144 2.95 -8.76 0.04
C LEU A 144 2.92 -8.31 -1.40
N ALA A 145 3.70 -8.97 -2.24
CA ALA A 145 3.75 -8.64 -3.66
C ALA A 145 3.93 -9.88 -4.51
N SER A 146 3.31 -9.87 -5.69
CA SER A 146 3.40 -10.99 -6.64
C SER A 146 3.71 -10.50 -8.05
N SER A 147 4.30 -11.39 -8.86
CA SER A 147 4.64 -11.09 -10.26
C SER A 147 3.41 -11.14 -11.16
N ARG A 148 3.58 -10.75 -12.43
CA ARG A 148 2.48 -10.72 -13.39
C ARG A 148 1.91 -12.09 -13.81
N ASP A 149 2.80 -12.97 -14.27
CA ASP A 149 2.44 -14.28 -14.78
C ASP A 149 2.01 -15.36 -13.78
N ALA A 150 2.48 -15.24 -12.53
CA ALA A 150 2.15 -16.18 -11.46
C ALA A 150 2.68 -15.66 -10.13
N ILE A 151 2.19 -16.25 -9.04
CA ILE A 151 2.70 -15.93 -7.70
C ILE A 151 3.77 -17.01 -7.58
N THR A 152 4.99 -16.64 -7.97
CA THR A 152 6.17 -17.52 -8.00
C THR A 152 6.48 -18.26 -6.68
N PRO A 153 7.17 -19.44 -6.74
CA PRO A 153 7.51 -20.19 -5.51
C PRO A 153 8.22 -19.35 -4.44
N TYR A 154 9.03 -18.38 -4.86
CA TYR A 154 9.77 -17.47 -3.97
C TYR A 154 8.79 -16.53 -3.24
N GLU A 155 7.86 -15.98 -4.01
CA GLU A 155 6.84 -15.07 -3.49
C GLU A 155 5.89 -15.76 -2.53
N GLN A 156 5.61 -17.05 -2.79
CA GLN A 156 4.72 -17.85 -1.95
C GLN A 156 5.25 -18.09 -0.54
N LEU A 157 6.55 -17.91 -0.35
CA LEU A 157 7.18 -18.08 0.96
C LEU A 157 6.71 -16.97 1.89
N PHE A 158 6.57 -15.76 1.34
CA PHE A 158 6.13 -14.57 2.06
C PHE A 158 4.63 -14.66 2.37
N PHE A 159 3.87 -15.17 1.40
CA PHE A 159 2.41 -15.34 1.53
C PHE A 159 2.03 -16.29 2.65
N ARG A 160 2.74 -17.43 2.73
CA ARG A 160 2.50 -18.44 3.77
C ARG A 160 2.95 -17.92 5.14
N ALA A 161 4.06 -17.17 5.14
CA ALA A 161 4.61 -16.58 6.35
C ALA A 161 3.70 -15.48 6.93
N ALA A 162 3.14 -14.67 6.03
CA ALA A 162 2.23 -13.57 6.38
C ALA A 162 0.90 -14.07 6.89
N ALA A 163 0.41 -15.14 6.26
CA ALA A 163 -0.86 -15.78 6.62
C ALA A 163 -0.81 -16.29 8.05
N ARG A 164 0.37 -16.78 8.47
CA ARG A 164 0.58 -17.28 9.82
C ARG A 164 0.63 -16.14 10.84
N VAL A 165 1.31 -15.04 10.50
CA VAL A 165 1.40 -13.89 11.41
C VAL A 165 0.01 -13.26 11.58
N GLN A 166 -0.80 -13.35 10.52
CA GLN A 166 -2.16 -12.81 10.50
C GLN A 166 -3.08 -13.59 11.44
N ARG A 167 -2.99 -14.92 11.43
CA ARG A 167 -3.81 -15.79 12.28
C ARG A 167 -3.51 -15.57 13.77
N GLU A 168 -2.24 -15.32 14.06
CA GLU A 168 -1.76 -15.10 15.43
C GLU A 168 -1.95 -13.71 16.01
N THR A 169 -1.81 -12.68 15.17
CA THR A 169 -1.91 -11.29 15.64
C THR A 169 -3.13 -10.51 15.17
N GLY A 170 -3.72 -10.92 14.05
CA GLY A 170 -4.87 -10.22 13.49
C GLY A 170 -4.48 -8.98 12.69
N VAL A 171 -3.17 -8.85 12.42
CA VAL A 171 -2.56 -7.74 11.67
C VAL A 171 -3.09 -7.66 10.22
N PRO A 172 -3.30 -6.44 9.68
CA PRO A 172 -3.79 -6.32 8.29
C PRO A 172 -2.77 -6.77 7.24
N ILE A 173 -3.26 -7.16 6.08
CA ILE A 173 -2.41 -7.56 4.96
C ILE A 173 -2.79 -6.71 3.75
N ILE A 174 -1.80 -6.01 3.20
CA ILE A 174 -2.01 -5.21 2.00
C ILE A 174 -1.10 -5.79 0.95
N THR A 175 -1.51 -5.73 -0.31
CA THR A 175 -0.69 -6.31 -1.37
C THR A 175 -0.43 -5.42 -2.60
N HIS A 176 0.45 -5.93 -3.46
CA HIS A 176 0.83 -5.34 -4.73
C HIS A 176 0.51 -6.42 -5.78
N THR A 177 -0.12 -6.01 -6.89
CA THR A 177 -0.38 -6.90 -8.02
C THR A 177 0.32 -6.24 -9.20
N GLN A 178 1.02 -7.06 -9.99
CA GLN A 178 1.77 -6.56 -11.14
C GLN A 178 0.95 -6.66 -12.43
N ASP A 179 0.90 -5.53 -13.15
CA ASP A 179 0.19 -5.36 -14.44
C ASP A 179 -1.25 -5.88 -14.51
N GLY A 180 -2.01 -5.60 -13.44
CA GLY A 180 -3.40 -6.01 -13.33
C GLY A 180 -3.72 -7.49 -13.36
N GLN A 181 -2.76 -8.30 -12.90
CA GLN A 181 -2.93 -9.75 -12.86
C GLN A 181 -2.64 -10.30 -11.47
N GLN A 182 -3.08 -11.55 -11.24
CA GLN A 182 -2.92 -12.30 -9.98
C GLN A 182 -3.80 -11.97 -8.78
N GLY A 183 -4.75 -11.06 -8.95
CA GLY A 183 -5.67 -10.66 -7.88
C GLY A 183 -6.52 -11.79 -7.31
N PRO A 184 -7.23 -12.58 -8.14
CA PRO A 184 -8.05 -13.71 -7.65
C PRO A 184 -7.19 -14.77 -6.99
N GLN A 185 -6.02 -15.01 -7.58
CA GLN A 185 -5.03 -15.97 -7.09
C GLN A 185 -4.44 -15.61 -5.73
N GLN A 186 -4.23 -14.31 -5.49
CA GLN A 186 -3.70 -13.84 -4.20
C GLN A 186 -4.73 -14.03 -3.11
N ALA A 187 -5.97 -13.68 -3.46
CA ALA A 187 -7.13 -13.77 -2.59
C ALA A 187 -7.45 -15.23 -2.24
N GLU A 188 -7.35 -16.11 -3.24
CA GLU A 188 -7.59 -17.55 -3.07
C GLU A 188 -6.54 -18.17 -2.16
N LEU A 189 -5.27 -17.87 -2.42
CA LEU A 189 -4.14 -18.38 -1.65
C LEU A 189 -4.19 -17.94 -0.18
N LEU A 190 -4.36 -16.65 0.06
CA LEU A 190 -4.42 -16.12 1.43
C LEU A 190 -5.61 -16.62 2.25
N THR A 191 -6.77 -16.77 1.61
CA THR A 191 -7.96 -17.27 2.32
C THR A 191 -7.90 -18.77 2.61
N SER A 192 -7.27 -19.53 1.71
CA SER A 192 -7.12 -20.98 1.87
C SER A 192 -6.15 -21.32 3.01
N LEU A 193 -5.26 -20.37 3.30
CA LEU A 193 -4.25 -20.50 4.35
C LEU A 193 -4.78 -20.03 5.72
N GLY A 194 -6.07 -19.69 5.76
CA GLY A 194 -6.71 -19.27 6.99
C GLY A 194 -6.60 -17.82 7.39
N ALA A 195 -6.15 -16.95 6.48
CA ALA A 195 -6.03 -15.52 6.76
C ALA A 195 -7.42 -14.90 6.68
N ASP A 196 -7.69 -13.98 7.62
CA ASP A 196 -8.97 -13.26 7.75
C ASP A 196 -9.24 -12.39 6.50
N PRO A 197 -10.28 -12.71 5.70
CA PRO A 197 -10.65 -11.95 4.49
C PRO A 197 -11.07 -10.50 4.74
N ALA A 198 -11.48 -10.21 5.98
CA ALA A 198 -11.89 -8.87 6.40
C ALA A 198 -10.68 -7.99 6.77
N ARG A 199 -9.48 -8.59 6.75
CA ARG A 199 -8.24 -7.91 7.08
C ARG A 199 -7.22 -8.00 5.92
N ILE A 200 -7.73 -8.28 4.72
CA ILE A 200 -6.91 -8.40 3.53
C ILE A 200 -7.35 -7.37 2.49
N MET A 201 -6.37 -6.66 1.93
CA MET A 201 -6.60 -5.67 0.89
C MET A 201 -5.71 -5.99 -0.29
N ILE A 202 -6.32 -6.45 -1.39
CA ILE A 202 -5.59 -6.79 -2.60
C ILE A 202 -5.39 -5.46 -3.34
N GLY A 203 -4.12 -5.07 -3.50
CA GLY A 203 -3.80 -3.81 -4.15
C GLY A 203 -3.62 -3.83 -5.65
N HIS A 204 -3.42 -2.63 -6.20
CA HIS A 204 -3.23 -2.36 -7.65
C HIS A 204 -4.30 -2.99 -8.52
N MET A 205 -5.49 -3.09 -7.95
CA MET A 205 -6.65 -3.69 -8.62
C MET A 205 -7.23 -2.80 -9.70
N ASP A 206 -6.75 -1.55 -9.74
CA ASP A 206 -7.14 -0.59 -10.75
C ASP A 206 -6.39 -0.83 -12.06
N GLY A 207 -5.35 -1.66 -11.98
CA GLY A 207 -4.54 -2.00 -13.14
C GLY A 207 -5.22 -2.90 -14.16
N ASN A 208 -6.49 -3.23 -13.90
CA ASN A 208 -7.29 -4.08 -14.80
C ASN A 208 -8.61 -3.36 -15.04
N THR A 209 -9.01 -3.26 -16.32
CA THR A 209 -10.24 -2.57 -16.71
C THR A 209 -11.47 -3.44 -16.96
N ASP A 210 -11.34 -4.75 -16.72
CA ASP A 210 -12.44 -5.71 -16.90
C ASP A 210 -13.02 -5.99 -15.51
N PRO A 211 -14.26 -5.50 -15.23
CA PRO A 211 -14.92 -5.71 -13.92
C PRO A 211 -15.14 -7.16 -13.46
N ALA A 212 -15.09 -8.10 -14.41
CA ALA A 212 -15.26 -9.52 -14.12
C ALA A 212 -14.08 -10.05 -13.30
N TYR A 213 -12.91 -9.45 -13.51
CA TYR A 213 -11.67 -9.78 -12.80
C TYR A 213 -11.78 -9.35 -11.33
N HIS A 214 -12.40 -8.19 -11.12
CA HIS A 214 -12.62 -7.63 -9.78
C HIS A 214 -13.62 -8.44 -8.99
N ARG A 215 -14.70 -8.87 -9.66
CA ARG A 215 -15.75 -9.69 -9.05
C ARG A 215 -15.20 -11.05 -8.64
N GLU A 216 -14.28 -11.58 -9.47
CA GLU A 216 -13.64 -12.88 -9.24
C GLU A 216 -12.74 -12.84 -8.00
N THR A 217 -12.16 -11.66 -7.71
CA THR A 217 -11.30 -11.43 -6.54
C THR A 217 -12.17 -11.22 -5.30
N LEU A 218 -13.25 -10.46 -5.50
CA LEU A 218 -14.21 -10.15 -4.43
C LEU A 218 -15.01 -11.37 -3.94
N ARG A 219 -15.03 -12.44 -4.74
CA ARG A 219 -15.74 -13.68 -4.38
C ARG A 219 -15.18 -14.29 -3.10
N HIS A 220 -13.87 -14.11 -2.91
CA HIS A 220 -13.14 -14.60 -1.74
C HIS A 220 -13.37 -13.81 -0.45
N GLY A 221 -14.13 -12.72 -0.55
CA GLY A 221 -14.47 -11.91 0.61
C GLY A 221 -13.46 -10.86 1.03
N VAL A 222 -12.41 -10.73 0.24
CA VAL A 222 -11.36 -9.76 0.49
C VAL A 222 -11.78 -8.37 0.00
N SER A 223 -11.08 -7.35 0.48
CA SER A 223 -11.32 -5.97 0.04
C SER A 223 -10.30 -5.68 -1.04
N ILE A 224 -10.69 -4.83 -1.99
CA ILE A 224 -9.80 -4.46 -3.10
C ILE A 224 -9.53 -2.96 -3.17
N ALA A 225 -8.30 -2.60 -3.53
CA ALA A 225 -7.92 -1.20 -3.60
C ALA A 225 -7.57 -0.68 -4.98
N PHE A 226 -8.24 0.40 -5.34
CA PHE A 226 -7.98 1.13 -6.58
C PHE A 226 -6.96 2.13 -6.02
N ASP A 227 -5.72 1.64 -5.91
CA ASP A 227 -4.66 2.39 -5.27
C ASP A 227 -3.56 3.11 -6.04
N ARG A 228 -3.67 3.21 -7.36
CA ARG A 228 -2.67 3.92 -8.16
C ARG A 228 -3.39 5.05 -8.90
N ILE A 229 -4.40 5.63 -8.24
CA ILE A 229 -5.21 6.70 -8.82
C ILE A 229 -4.36 7.97 -9.03
N GLY A 230 -4.34 8.43 -10.28
CA GLY A 230 -3.57 9.60 -10.62
C GLY A 230 -2.49 9.27 -11.62
N LEU A 231 -1.97 8.05 -11.51
CA LEU A 231 -0.94 7.52 -12.40
C LEU A 231 -1.70 7.01 -13.64
N GLN A 232 -1.75 7.86 -14.67
CA GLN A 232 -2.48 7.59 -15.90
C GLN A 232 -1.68 7.28 -17.16
N GLY A 233 -1.76 6.02 -17.63
CA GLY A 233 -1.06 5.61 -18.83
C GLY A 233 0.45 5.52 -18.71
N MET A 234 0.92 5.05 -17.56
CA MET A 234 2.34 4.89 -17.29
C MET A 234 2.65 3.40 -17.14
N LEU A 235 3.32 2.87 -18.16
CA LEU A 235 3.76 1.47 -18.26
C LEU A 235 2.65 0.38 -18.14
N GLY A 236 1.46 0.71 -18.63
CA GLY A 236 0.35 -0.22 -18.59
C GLY A 236 -0.85 0.19 -17.75
N THR A 237 -0.65 1.16 -16.87
CA THR A 237 -1.73 1.67 -15.99
C THR A 237 -2.83 2.37 -16.80
N PRO A 238 -4.11 2.21 -16.39
CA PRO A 238 -5.21 2.87 -17.12
C PRO A 238 -5.36 4.35 -16.76
N THR A 239 -6.35 5.00 -17.37
CA THR A 239 -6.65 6.41 -17.11
C THR A 239 -7.56 6.45 -15.88
N ASP A 240 -7.70 7.62 -15.25
CA ASP A 240 -8.58 7.78 -14.09
C ASP A 240 -10.05 7.61 -14.48
N ALA A 241 -10.35 7.91 -15.76
CA ALA A 241 -11.71 7.78 -16.31
C ALA A 241 -12.07 6.31 -16.49
N GLU A 242 -11.08 5.49 -16.83
CA GLU A 242 -11.25 4.04 -17.01
C GLU A 242 -11.38 3.36 -15.65
N ARG A 243 -10.71 3.94 -14.64
CA ARG A 243 -10.76 3.46 -13.24
C ARG A 243 -12.12 3.72 -12.62
N LEU A 244 -12.61 4.95 -12.80
CA LEU A 244 -13.89 5.39 -12.25
C LEU A 244 -15.10 4.72 -12.90
N SER A 245 -14.92 4.25 -14.14
CA SER A 245 -15.96 3.54 -14.88
C SER A 245 -16.17 2.15 -14.27
N VAL A 246 -15.06 1.51 -13.88
CA VAL A 246 -15.06 0.19 -13.26
C VAL A 246 -15.52 0.29 -11.80
N LEU A 247 -15.14 1.39 -11.13
CA LEU A 247 -15.50 1.63 -9.74
C LEU A 247 -17.00 1.89 -9.56
N THR A 248 -17.61 2.66 -10.47
CA THR A 248 -19.04 2.95 -10.41
C THR A 248 -19.92 1.73 -10.74
N THR A 249 -19.38 0.80 -11.54
CA THR A 249 -20.07 -0.45 -11.89
C THR A 249 -20.12 -1.31 -10.62
N LEU A 250 -19.00 -1.36 -9.90
CA LEU A 250 -18.87 -2.13 -8.65
C LEU A 250 -19.64 -1.51 -7.49
N LEU A 251 -19.67 -0.18 -7.43
CA LEU A 251 -20.40 0.56 -6.40
C LEU A 251 -21.92 0.37 -6.60
N GLY A 252 -22.31 0.23 -7.86
CA GLY A 252 -23.71 0.01 -8.22
C GLY A 252 -24.17 -1.42 -7.92
N GLU A 253 -23.19 -2.29 -7.68
CA GLU A 253 -23.43 -3.69 -7.38
C GLU A 253 -23.29 -3.98 -5.89
N GLY A 254 -23.28 -2.92 -5.08
CA GLY A 254 -23.19 -3.04 -3.62
C GLY A 254 -21.86 -3.39 -2.99
N TYR A 255 -20.76 -3.21 -3.73
CA TYR A 255 -19.42 -3.53 -3.24
C TYR A 255 -18.72 -2.41 -2.46
N ALA A 256 -19.45 -1.33 -2.13
CA ALA A 256 -18.91 -0.17 -1.39
C ALA A 256 -18.10 -0.50 -0.13
N ASP A 257 -18.57 -1.52 0.59
CA ASP A 257 -17.94 -1.97 1.84
C ASP A 257 -16.64 -2.75 1.67
N ARG A 258 -16.27 -3.03 0.42
CA ARG A 258 -15.05 -3.75 0.12
C ARG A 258 -14.15 -3.06 -0.94
N LEU A 259 -14.38 -1.77 -1.17
CA LEU A 259 -13.61 -0.97 -2.13
C LEU A 259 -12.83 0.14 -1.44
N LEU A 260 -11.51 0.21 -1.70
CA LEU A 260 -10.64 1.25 -1.11
C LEU A 260 -9.93 2.11 -2.18
N LEU A 261 -9.54 3.33 -1.79
CA LEU A 261 -8.93 4.29 -2.73
C LEU A 261 -7.63 4.94 -2.22
N SER A 262 -6.59 4.93 -3.05
CA SER A 262 -5.29 5.54 -2.72
C SER A 262 -4.57 5.96 -4.00
N HIS A 263 -3.37 6.56 -3.88
CA HIS A 263 -2.61 7.02 -5.05
C HIS A 263 -1.33 6.28 -5.37
N ASP A 264 -0.73 5.62 -4.36
CA ASP A 264 0.56 4.91 -4.49
C ASP A 264 1.64 5.96 -4.84
N SER A 265 1.46 7.16 -4.29
CA SER A 265 2.36 8.29 -4.51
C SER A 265 3.65 8.16 -3.73
N ILE A 266 4.68 8.85 -4.20
CA ILE A 266 5.99 8.85 -3.56
C ILE A 266 6.25 10.33 -3.27
N TRP A 267 6.30 10.67 -1.98
CA TRP A 267 6.51 12.07 -1.58
C TRP A 267 7.97 12.51 -1.72
N HIS A 268 8.89 11.60 -1.45
CA HIS A 268 10.32 11.87 -1.57
C HIS A 268 11.03 10.61 -2.05
N TRP A 269 11.67 10.71 -3.22
CA TRP A 269 12.40 9.59 -3.78
C TRP A 269 13.80 9.43 -3.21
N MET A 270 14.17 8.18 -2.93
CA MET A 270 15.49 7.85 -2.42
C MET A 270 16.40 7.69 -3.65
N GLY A 271 17.66 8.07 -3.48
CA GLY A 271 18.62 8.02 -4.59
C GLY A 271 18.52 9.36 -5.30
N ARG A 272 18.77 9.36 -6.61
CA ARG A 272 18.71 10.58 -7.40
C ARG A 272 17.26 10.93 -7.75
N PRO A 273 16.91 12.25 -7.77
CA PRO A 273 15.54 12.66 -8.11
C PRO A 273 15.24 12.26 -9.57
N PRO A 274 14.05 11.68 -9.84
CA PRO A 274 13.66 11.24 -11.19
C PRO A 274 13.60 12.29 -12.29
N ALA A 275 14.14 11.89 -13.43
CA ALA A 275 14.16 12.70 -14.64
C ALA A 275 12.98 12.18 -15.46
N ILE A 276 11.85 12.85 -15.30
CA ILE A 276 10.60 12.52 -15.99
C ILE A 276 10.61 13.13 -17.40
N PRO A 277 10.53 12.30 -18.47
CA PRO A 277 10.52 12.75 -19.87
C PRO A 277 9.35 13.68 -20.18
N GLU A 278 9.48 14.46 -21.26
CA GLU A 278 8.45 15.40 -21.70
C GLU A 278 7.11 14.75 -22.05
N ALA A 279 7.17 13.56 -22.66
CA ALA A 279 5.98 12.80 -23.05
C ALA A 279 5.22 12.19 -21.88
N ALA A 280 5.93 11.98 -20.76
CA ALA A 280 5.36 11.39 -19.56
C ALA A 280 4.78 12.36 -18.53
N LEU A 281 4.71 13.66 -18.87
CA LEU A 281 4.15 14.67 -17.96
C LEU A 281 2.64 14.53 -17.65
N PRO A 282 1.77 14.25 -18.67
CA PRO A 282 0.34 14.12 -18.34
C PRO A 282 0.04 12.87 -17.49
N ALA A 283 0.90 11.86 -17.64
CA ALA A 283 0.81 10.59 -16.92
C ALA A 283 0.98 10.70 -15.41
N VAL A 284 1.90 11.57 -14.98
CA VAL A 284 2.20 11.78 -13.56
C VAL A 284 1.63 13.07 -12.96
N LYS A 285 0.89 13.83 -13.77
CA LYS A 285 0.31 15.12 -13.37
C LYS A 285 -0.59 15.06 -12.13
N ASP A 286 -1.46 14.05 -12.10
CA ASP A 286 -2.40 13.88 -10.99
C ASP A 286 -1.91 12.86 -9.95
N TRP A 287 -0.68 12.38 -10.11
CA TRP A 287 -0.08 11.39 -9.20
C TRP A 287 0.58 12.01 -7.96
N HIS A 288 -0.26 12.55 -7.09
CA HIS A 288 0.17 13.18 -5.84
C HIS A 288 -0.91 12.82 -4.83
N PRO A 289 -0.60 12.83 -3.52
CA PRO A 289 -1.62 12.47 -2.52
C PRO A 289 -2.81 13.38 -2.20
N LEU A 290 -2.99 14.46 -2.95
CA LEU A 290 -4.09 15.39 -2.72
C LEU A 290 -5.17 15.27 -3.79
N HIS A 291 -4.87 14.46 -4.81
CA HIS A 291 -5.74 14.20 -5.97
C HIS A 291 -7.11 13.60 -5.67
N ILE A 292 -7.18 12.61 -4.76
CA ILE A 292 -8.45 11.98 -4.41
C ILE A 292 -9.39 12.93 -3.69
N SER A 293 -8.83 13.69 -2.76
CA SER A 293 -9.60 14.66 -1.99
C SER A 293 -10.13 15.80 -2.86
N ASP A 294 -9.26 16.30 -3.75
CA ASP A 294 -9.59 17.43 -4.63
C ASP A 294 -10.40 17.10 -5.87
N ASP A 295 -10.02 16.02 -6.56
CA ASP A 295 -10.68 15.66 -7.81
C ASP A 295 -11.59 14.44 -7.80
N ILE A 296 -11.11 13.31 -7.30
CA ILE A 296 -11.87 12.05 -7.33
C ILE A 296 -13.18 11.97 -6.54
N LEU A 297 -13.13 12.21 -5.22
CA LEU A 297 -14.35 12.16 -4.39
C LEU A 297 -15.44 13.13 -4.88
N PRO A 298 -15.07 14.39 -5.27
CA PRO A 298 -16.11 15.31 -5.76
C PRO A 298 -16.68 14.86 -7.13
N ASP A 299 -15.85 14.20 -7.94
CA ASP A 299 -16.28 13.69 -9.25
C ASP A 299 -17.22 12.47 -9.05
N LEU A 300 -16.97 11.69 -8.00
CA LEU A 300 -17.80 10.53 -7.66
C LEU A 300 -19.18 11.00 -7.18
N ARG A 301 -19.18 12.08 -6.39
CA ARG A 301 -20.41 12.68 -5.87
C ARG A 301 -21.28 13.20 -7.02
N ARG A 302 -20.61 13.73 -8.04
CA ARG A 302 -21.22 14.28 -9.26
C ARG A 302 -21.82 13.15 -10.12
N ARG A 303 -21.19 11.98 -10.08
CA ARG A 303 -21.62 10.80 -10.84
C ARG A 303 -22.85 10.08 -10.27
N GLY A 304 -23.15 10.33 -9.00
CA GLY A 304 -24.29 9.70 -8.37
C GLY A 304 -23.97 8.92 -7.11
N ILE A 305 -22.68 8.79 -6.80
CA ILE A 305 -22.20 8.09 -5.61
C ILE A 305 -22.53 8.95 -4.39
N THR A 306 -23.20 8.35 -3.41
CA THR A 306 -23.64 9.02 -2.19
C THR A 306 -22.51 9.35 -1.23
N GLU A 307 -22.80 10.25 -0.28
CA GLU A 307 -21.86 10.69 0.76
C GLU A 307 -21.57 9.52 1.70
N GLU A 308 -22.56 8.63 1.83
CA GLU A 308 -22.47 7.43 2.66
C GLU A 308 -21.50 6.42 2.03
N GLN A 309 -21.58 6.24 0.70
CA GLN A 309 -20.72 5.34 -0.05
C GLN A 309 -19.27 5.82 -0.11
N VAL A 310 -19.09 7.16 -0.12
CA VAL A 310 -17.78 7.80 -0.13
C VAL A 310 -17.17 7.61 1.26
N GLY A 311 -17.98 7.86 2.29
CA GLY A 311 -17.54 7.72 3.67
C GLY A 311 -17.24 6.27 4.03
N GLN A 312 -17.86 5.33 3.32
CA GLN A 312 -17.66 3.89 3.55
C GLN A 312 -16.29 3.46 3.02
N MET A 313 -15.98 3.88 1.79
CA MET A 313 -14.71 3.56 1.13
C MET A 313 -13.51 4.20 1.81
N THR A 314 -13.67 5.47 2.22
CA THR A 314 -12.58 6.26 2.82
C THR A 314 -12.45 6.28 4.35
N VAL A 315 -13.55 6.04 5.07
CA VAL A 315 -13.51 6.05 6.54
C VAL A 315 -13.93 4.68 7.12
N GLY A 316 -15.07 4.16 6.66
CA GLY A 316 -15.61 2.88 7.13
C GLY A 316 -14.75 1.65 6.89
N ASN A 317 -14.32 1.47 5.63
CA ASN A 317 -13.47 0.33 5.26
C ASN A 317 -12.11 0.34 5.96
N PRO A 318 -11.39 1.48 6.01
CA PRO A 318 -10.10 1.39 6.70
C PRO A 318 -10.16 1.24 8.23
N ALA A 319 -11.27 1.64 8.85
CA ALA A 319 -11.45 1.49 10.31
C ALA A 319 -11.60 0.01 10.66
N ARG A 320 -12.23 -0.73 9.74
CA ARG A 320 -12.47 -2.16 9.85
C ARG A 320 -11.19 -2.94 9.51
N LEU A 321 -10.61 -2.64 8.35
CA LEU A 321 -9.41 -3.28 7.83
C LEU A 321 -8.12 -3.03 8.61
N PHE A 322 -7.89 -1.79 9.05
CA PHE A 322 -6.65 -1.44 9.76
C PHE A 322 -6.74 -1.23 11.26
N GLY A 323 -7.95 -0.90 11.74
CA GLY A 323 -8.14 -0.65 13.16
C GLY A 323 -8.30 -1.84 14.07
CO CO B . 3.32 1.03 -3.46
CO CO C . 3.14 -1.82 -5.65
#